data_4CSC
#
_entry.id   4CSC
#
_cell.length_a   104.000
_cell.length_b   78.100
_cell.length_c   58.300
_cell.angle_alpha   90.00
_cell.angle_beta   78.90
_cell.angle_gamma   90.00
#
_symmetry.space_group_name_H-M   'C 1 2 1'
#
loop_
_entity.id
_entity.type
_entity.pdbx_description
1 polymer 'CITRATE SYNTHASE'
2 non-polymer D-MALATE
3 non-polymer 'ACETYL COENZYME *A'
4 water water
#
_entity_poly.entity_id   1
_entity_poly.type   'polypeptide(L)'
_entity_poly.pdbx_seq_one_letter_code
;ASSTNLKDVLAALIPKEQARIKTFRQQHGGTALGQITVDMSYGGMRGMKGLVYETSVLDPDEGIRFRGFSIPECQKLLPK
GG(UNK)GGEPLPEGLFWLLVTGQIPTGAQVSWLSKEWAKRAALPSHVVTMLDNFPTNLHPMSQLSAAITALNSESNFAR
AYAEGILRTKYWEMVYESAMDLIAKLPCVAAKIYRNLYRAGSSIGAIDSKLDWSHNFTNMLGYTDAQFTELMRLYLTIHS
DHEGGNVSAHTSHLVGSALSDPYLSFAAAMNGLAGPLHGLANQEVLGWLAQLQKA(UNK)(UNK)(UNK)AGADASLRDY
IWNTLNSGRVVPGYGHAVLRKTDPRYTCQREFALKHLPGDPMFKLVAQLYKIVPNVLLEQGAAANPWPNVDAHSGVLLQY
YGMTEMNYYTVLFGVSRALGVLAQLIWSRALGFPLERPKSMSTDGLIAL
;
_entity_poly.pdbx_strand_id   A
#
# COMPACT_ATOMS: atom_id res chain seq x y z
N ALA A 1 -7.52 -19.43 30.71
CA ALA A 1 -8.16 -18.15 30.89
C ALA A 1 -7.80 -17.21 29.77
N SER A 2 -8.46 -16.05 29.80
CA SER A 2 -8.23 -15.01 28.82
C SER A 2 -9.00 -15.03 27.51
N SER A 3 -9.16 -13.81 26.94
CA SER A 3 -9.76 -13.40 25.66
C SER A 3 -8.65 -12.97 24.67
N THR A 4 -8.93 -12.29 23.51
CA THR A 4 -7.96 -11.94 22.39
C THR A 4 -6.91 -10.80 22.59
N ASN A 5 -5.69 -11.04 22.07
CA ASN A 5 -4.59 -10.03 22.12
C ASN A 5 -3.47 -10.36 21.18
N LEU A 6 -3.45 -9.62 20.10
CA LEU A 6 -2.44 -9.80 19.09
C LEU A 6 -1.05 -9.72 19.68
N LYS A 7 -0.89 -8.87 20.68
CA LYS A 7 0.45 -8.71 21.19
C LYS A 7 1.00 -9.94 21.87
N ASP A 8 0.10 -10.69 22.53
CA ASP A 8 0.36 -11.93 23.23
C ASP A 8 0.74 -13.03 22.27
N VAL A 9 0.03 -13.07 21.15
CA VAL A 9 0.31 -14.07 20.11
C VAL A 9 1.73 -13.86 19.61
N LEU A 10 1.99 -12.60 19.23
CA LEU A 10 3.30 -12.17 18.71
C LEU A 10 4.46 -12.55 19.63
N ALA A 11 4.33 -12.25 20.94
CA ALA A 11 5.32 -12.59 21.98
C ALA A 11 5.63 -14.09 21.95
N ALA A 12 4.61 -14.87 21.61
CA ALA A 12 4.76 -16.29 21.53
C ALA A 12 5.57 -16.70 20.26
N LEU A 13 5.15 -16.10 19.12
CA LEU A 13 5.71 -16.19 17.75
C LEU A 13 7.23 -15.75 17.67
N ILE A 14 7.61 -14.51 18.14
CA ILE A 14 8.96 -13.88 18.04
C ILE A 14 10.19 -14.79 18.32
N PRO A 15 10.24 -15.38 19.49
CA PRO A 15 11.31 -16.27 19.87
C PRO A 15 11.43 -17.52 18.99
N LYS A 16 10.33 -18.08 18.51
CA LYS A 16 10.44 -19.24 17.64
C LYS A 16 11.11 -18.86 16.30
N GLU A 17 10.67 -17.73 15.78
CA GLU A 17 11.15 -17.27 14.49
C GLU A 17 12.59 -16.95 14.54
N GLN A 18 12.88 -16.35 15.65
CA GLN A 18 14.19 -15.91 16.05
C GLN A 18 15.18 -17.03 15.91
N ALA A 19 14.86 -18.11 16.63
CA ALA A 19 15.63 -19.35 16.68
C ALA A 19 15.77 -19.97 15.30
N ARG A 20 14.63 -20.06 14.63
CA ARG A 20 14.48 -20.55 13.27
C ARG A 20 15.42 -19.85 12.26
N ILE A 21 15.45 -18.50 12.28
CA ILE A 21 16.40 -17.72 11.46
C ILE A 21 17.84 -17.94 11.92
N LYS A 22 18.12 -18.06 13.22
CA LYS A 22 19.51 -18.31 13.58
C LYS A 22 20.20 -19.56 13.03
N THR A 23 19.59 -20.71 13.23
CA THR A 23 20.17 -21.91 12.68
C THR A 23 20.30 -21.87 11.17
N PHE A 24 19.34 -21.23 10.52
CA PHE A 24 19.35 -21.25 9.06
C PHE A 24 20.54 -20.49 8.58
N ARG A 25 20.80 -19.48 9.33
CA ARG A 25 21.87 -18.66 8.89
C ARG A 25 23.15 -19.30 9.30
N GLN A 26 23.06 -20.11 10.37
CA GLN A 26 24.20 -20.81 10.89
C GLN A 26 24.73 -21.80 9.88
N GLN A 27 23.81 -22.33 9.17
CA GLN A 27 24.14 -23.24 8.15
C GLN A 27 24.31 -22.63 6.77
N HIS A 28 23.67 -21.48 6.48
CA HIS A 28 23.65 -21.03 5.09
C HIS A 28 23.98 -19.59 4.81
N GLY A 29 24.38 -18.88 5.85
CA GLY A 29 24.71 -17.47 5.74
C GLY A 29 25.67 -17.18 4.61
N GLY A 30 26.53 -18.16 4.33
CA GLY A 30 27.57 -18.04 3.33
C GLY A 30 27.09 -18.42 1.95
N THR A 31 25.96 -19.07 1.91
CA THR A 31 25.44 -19.48 0.62
C THR A 31 25.17 -18.30 -0.31
N ALA A 32 25.67 -18.43 -1.55
CA ALA A 32 25.51 -17.46 -2.62
C ALA A 32 24.12 -17.60 -3.16
N LEU A 33 23.36 -16.51 -3.23
CA LEU A 33 21.96 -16.56 -3.63
C LEU A 33 21.85 -15.85 -4.95
N GLY A 34 22.97 -15.27 -5.29
CA GLY A 34 22.99 -14.56 -6.52
C GLY A 34 24.22 -13.72 -6.70
N GLN A 35 24.27 -13.25 -7.92
CA GLN A 35 25.29 -12.34 -8.35
C GLN A 35 24.68 -11.01 -8.73
N ILE A 36 25.55 -10.04 -8.78
CA ILE A 36 25.19 -8.72 -9.20
C ILE A 36 26.03 -8.38 -10.41
N THR A 37 25.39 -7.71 -11.37
CA THR A 37 26.02 -7.25 -12.58
C THR A 37 25.98 -5.74 -12.66
N VAL A 38 26.70 -5.22 -13.68
CA VAL A 38 26.84 -3.79 -14.03
C VAL A 38 25.47 -3.21 -14.43
N ASP A 39 24.75 -3.95 -15.23
CA ASP A 39 23.41 -3.57 -15.57
C ASP A 39 22.43 -3.44 -14.41
N MET A 40 22.55 -4.33 -13.42
CA MET A 40 21.66 -4.29 -12.23
C MET A 40 21.91 -3.04 -11.42
N SER A 41 23.18 -2.65 -11.39
CA SER A 41 23.60 -1.54 -10.59
C SER A 41 23.17 -0.23 -11.23
N TYR A 42 23.19 -0.23 -12.57
CA TYR A 42 22.74 0.88 -13.37
C TYR A 42 21.22 0.87 -13.54
N GLY A 43 20.66 -0.32 -13.32
CA GLY A 43 19.26 -0.59 -13.54
C GLY A 43 18.32 -0.65 -12.31
N GLY A 44 18.63 0.06 -11.23
CA GLY A 44 17.71 0.09 -10.12
C GLY A 44 17.55 -1.24 -9.39
N MET A 45 18.68 -1.94 -9.25
CA MET A 45 18.74 -3.25 -8.61
C MET A 45 17.75 -4.21 -9.25
N ARG A 46 17.41 -3.98 -10.51
CA ARG A 46 16.40 -4.81 -11.13
C ARG A 46 16.86 -6.24 -11.16
N GLY A 47 16.05 -7.12 -10.60
CA GLY A 47 16.44 -8.52 -10.58
C GLY A 47 17.28 -8.86 -9.37
N MET A 48 17.75 -7.86 -8.64
CA MET A 48 18.61 -8.14 -7.50
C MET A 48 17.86 -8.62 -6.26
N LYS A 49 18.17 -9.85 -5.79
CA LYS A 49 17.67 -10.45 -4.55
C LYS A 49 18.29 -9.62 -3.44
N GLY A 50 17.51 -8.71 -2.82
CA GLY A 50 18.17 -7.79 -1.92
C GLY A 50 17.66 -7.69 -0.50
N LEU A 51 16.45 -8.13 -0.20
CA LEU A 51 15.87 -7.89 1.12
C LEU A 51 15.19 -9.09 1.64
N VAL A 52 15.14 -9.23 2.96
CA VAL A 52 14.20 -10.21 3.50
C VAL A 52 13.02 -9.45 4.05
N TYR A 53 11.85 -9.83 3.58
CA TYR A 53 10.60 -9.14 3.93
C TYR A 53 9.53 -10.21 4.12
N GLU A 54 8.96 -10.29 5.28
CA GLU A 54 8.19 -11.50 5.42
C GLU A 54 6.76 -11.55 5.12
N THR A 55 6.14 -10.43 5.14
CA THR A 55 4.71 -10.47 5.04
C THR A 55 4.11 -10.89 3.73
N SER A 56 4.80 -10.66 2.62
CA SER A 56 4.26 -11.03 1.33
C SER A 56 5.35 -11.29 0.33
N VAL A 57 5.04 -12.13 -0.65
CA VAL A 57 6.00 -12.48 -1.68
C VAL A 57 5.42 -12.33 -3.05
N LEU A 58 6.12 -11.62 -3.89
CA LEU A 58 5.53 -11.45 -5.19
C LEU A 58 6.11 -12.40 -6.23
N ASP A 59 5.22 -13.13 -6.87
CA ASP A 59 5.57 -14.02 -7.96
C ASP A 59 5.30 -13.32 -9.28
N PRO A 60 6.36 -13.30 -10.07
CA PRO A 60 6.52 -12.72 -11.38
C PRO A 60 5.43 -13.11 -12.35
N ASP A 61 4.97 -14.35 -12.23
CA ASP A 61 3.87 -14.80 -13.04
C ASP A 61 2.63 -14.98 -12.27
N GLU A 62 2.72 -15.42 -11.03
CA GLU A 62 1.50 -15.71 -10.32
C GLU A 62 0.88 -14.47 -9.70
N GLY A 63 1.75 -13.53 -9.35
CA GLY A 63 1.33 -12.34 -8.62
C GLY A 63 1.55 -12.46 -7.12
N ILE A 64 1.06 -11.48 -6.36
CA ILE A 64 1.27 -11.42 -4.91
C ILE A 64 0.66 -12.58 -4.09
N ARG A 65 1.40 -12.97 -3.06
CA ARG A 65 0.90 -13.85 -2.00
C ARG A 65 1.12 -13.25 -0.63
N PHE A 66 0.07 -13.44 0.16
CA PHE A 66 -0.05 -13.08 1.53
C PHE A 66 0.51 -14.08 2.53
N ARG A 67 0.03 -15.33 2.71
CA ARG A 67 1.08 -16.19 3.38
C ARG A 67 1.80 -16.56 2.15
N GLY A 68 1.09 -17.54 1.69
CA GLY A 68 1.14 -18.19 0.45
C GLY A 68 -0.26 -18.04 -0.09
N PHE A 69 -1.07 -17.24 0.61
CA PHE A 69 -2.45 -17.00 0.18
C PHE A 69 -2.59 -16.00 -0.95
N SER A 70 -3.17 -16.48 -2.07
CA SER A 70 -3.47 -15.62 -3.22
C SER A 70 -4.63 -14.70 -2.86
N ILE A 71 -4.80 -13.68 -3.68
CA ILE A 71 -5.94 -12.82 -3.51
C ILE A 71 -7.23 -13.59 -3.51
N PRO A 72 -7.38 -14.51 -4.47
CA PRO A 72 -8.59 -15.31 -4.53
C PRO A 72 -8.76 -16.12 -3.25
N GLU A 73 -7.67 -16.66 -2.76
CA GLU A 73 -7.72 -17.38 -1.51
C GLU A 73 -8.17 -16.50 -0.35
N CYS A 74 -7.66 -15.25 -0.31
CA CYS A 74 -8.04 -14.33 0.77
C CYS A 74 -9.51 -14.04 0.69
N GLN A 75 -9.90 -13.86 -0.56
CA GLN A 75 -11.22 -13.55 -0.96
C GLN A 75 -12.16 -14.52 -0.29
N LYS A 76 -11.83 -15.79 -0.36
CA LYS A 76 -12.69 -16.72 0.32
C LYS A 76 -12.43 -16.94 1.79
N LEU A 77 -11.18 -16.80 2.23
CA LEU A 77 -10.77 -17.19 3.58
C LEU A 77 -10.93 -16.17 4.71
N LEU A 78 -10.75 -14.89 4.38
CA LEU A 78 -10.87 -13.82 5.36
C LEU A 78 -12.34 -13.50 5.67
N PRO A 79 -12.60 -13.12 6.91
CA PRO A 79 -13.93 -12.73 7.33
C PRO A 79 -14.41 -11.47 6.68
N LYS A 80 -15.69 -11.52 6.34
CA LYS A 80 -16.41 -10.45 5.67
C LYS A 80 -17.22 -9.73 6.71
N GLY A 81 -17.66 -8.52 6.39
CA GLY A 81 -18.44 -7.70 7.32
C GLY A 81 -19.80 -8.27 7.73
N GLY A 82 -20.37 -9.17 6.91
CA GLY A 82 -21.71 -9.69 7.25
C GLY A 82 -22.02 -10.95 6.49
N GLY A 84 -21.10 -7.39 2.59
CA GLY A 84 -20.97 -8.69 3.21
C GLY A 84 -20.28 -9.74 2.33
N GLY A 85 -19.47 -9.34 1.36
CA GLY A 85 -18.80 -10.30 0.53
C GLY A 85 -17.33 -10.03 0.41
N GLU A 86 -16.94 -8.84 0.81
CA GLU A 86 -15.55 -8.55 0.73
C GLU A 86 -14.83 -8.65 2.02
N PRO A 87 -13.61 -9.19 1.93
CA PRO A 87 -12.74 -9.44 3.07
C PRO A 87 -12.40 -8.15 3.84
N LEU A 88 -12.35 -8.23 5.20
CA LEU A 88 -12.00 -7.12 6.08
C LEU A 88 -10.47 -6.91 6.14
N PRO A 89 -9.99 -5.68 5.85
CA PRO A 89 -8.56 -5.39 5.87
C PRO A 89 -7.98 -5.76 7.24
N GLU A 90 -8.84 -5.70 8.25
CA GLU A 90 -8.51 -6.15 9.59
C GLU A 90 -7.96 -7.56 9.58
N GLY A 91 -8.69 -8.46 8.92
CA GLY A 91 -8.36 -9.89 8.87
C GLY A 91 -7.02 -10.10 8.17
N LEU A 92 -6.88 -9.35 7.08
CA LEU A 92 -5.69 -9.31 6.30
C LEU A 92 -4.50 -8.94 7.17
N PHE A 93 -4.69 -7.89 7.95
CA PHE A 93 -3.68 -7.40 8.85
C PHE A 93 -3.24 -8.49 9.84
N TRP A 94 -4.23 -9.17 10.41
CA TRP A 94 -3.95 -10.25 11.33
C TRP A 94 -3.12 -11.24 10.60
N LEU A 95 -3.54 -11.53 9.38
CA LEU A 95 -2.90 -12.54 8.58
C LEU A 95 -1.43 -12.25 8.36
N LEU A 96 -1.18 -11.00 8.03
CA LEU A 96 0.15 -10.53 7.71
C LEU A 96 1.09 -10.63 8.90
N VAL A 97 0.57 -10.22 10.04
CA VAL A 97 1.33 -10.09 11.25
C VAL A 97 1.73 -11.45 11.79
N THR A 98 0.76 -12.34 11.73
CA THR A 98 0.80 -13.65 12.35
C THR A 98 1.05 -14.85 11.46
N GLY A 99 0.89 -14.74 10.15
CA GLY A 99 0.98 -15.93 9.30
C GLY A 99 -0.33 -16.73 9.34
N GLN A 100 -1.20 -16.41 10.27
CA GLN A 100 -2.42 -17.17 10.28
C GLN A 100 -3.66 -16.43 9.84
N ILE A 101 -4.64 -17.24 9.38
CA ILE A 101 -6.01 -16.84 9.02
C ILE A 101 -6.81 -16.65 10.32
N PRO A 102 -7.22 -15.41 10.56
CA PRO A 102 -7.91 -15.03 11.78
C PRO A 102 -9.35 -15.51 11.80
N THR A 103 -9.92 -15.62 13.01
CA THR A 103 -11.34 -15.97 13.17
C THR A 103 -12.15 -14.66 13.19
N GLY A 104 -13.48 -14.72 13.06
CA GLY A 104 -14.24 -13.47 13.08
C GLY A 104 -13.98 -12.73 14.39
N ALA A 105 -13.95 -13.51 15.44
CA ALA A 105 -13.70 -12.99 16.74
C ALA A 105 -12.32 -12.37 16.86
N GLN A 106 -11.31 -12.88 16.11
CA GLN A 106 -10.03 -12.14 16.15
C GLN A 106 -10.28 -10.81 15.52
N VAL A 107 -10.97 -10.90 14.41
CA VAL A 107 -11.11 -9.79 13.53
C VAL A 107 -11.85 -8.62 14.15
N SER A 108 -12.88 -8.94 14.88
CA SER A 108 -13.66 -8.00 15.62
C SER A 108 -12.79 -7.21 16.58
N TRP A 109 -11.78 -7.89 17.13
CA TRP A 109 -10.82 -7.26 18.04
C TRP A 109 -9.98 -6.19 17.38
N LEU A 110 -9.42 -6.48 16.20
CA LEU A 110 -8.66 -5.42 15.48
C LEU A 110 -9.54 -4.20 15.28
N SER A 111 -10.78 -4.44 14.84
CA SER A 111 -11.77 -3.39 14.70
C SER A 111 -11.89 -2.57 15.99
N LYS A 112 -12.32 -3.23 17.07
CA LYS A 112 -12.43 -2.52 18.34
C LYS A 112 -11.21 -1.69 18.75
N GLU A 113 -10.06 -2.38 18.64
CA GLU A 113 -8.76 -1.86 18.92
C GLU A 113 -8.45 -0.61 18.11
N TRP A 114 -8.67 -0.73 16.81
CA TRP A 114 -8.43 0.42 15.95
C TRP A 114 -9.49 1.50 16.21
N ALA A 115 -10.68 1.10 16.64
CA ALA A 115 -11.65 2.11 16.97
C ALA A 115 -11.19 2.86 18.22
N LYS A 116 -10.68 2.12 19.21
CA LYS A 116 -10.22 2.75 20.44
C LYS A 116 -9.06 3.71 20.25
N ARG A 117 -8.20 3.44 19.28
CA ARG A 117 -6.92 4.15 19.13
C ARG A 117 -6.95 5.46 18.40
N ALA A 118 -8.07 5.66 17.69
CA ALA A 118 -8.29 6.74 16.73
C ALA A 118 -8.57 8.10 17.37
N ALA A 119 -7.49 8.84 17.49
CA ALA A 119 -7.46 10.15 18.09
C ALA A 119 -6.43 11.04 17.42
N LEU A 120 -6.87 12.23 17.12
CA LEU A 120 -6.01 13.16 16.48
C LEU A 120 -5.58 14.24 17.43
N PRO A 121 -4.34 14.63 17.32
CA PRO A 121 -3.91 15.65 18.25
C PRO A 121 -4.08 17.02 17.67
N SER A 122 -4.31 17.92 18.60
CA SER A 122 -4.53 19.29 18.30
C SER A 122 -3.58 19.95 17.31
N HIS A 123 -2.28 19.80 17.49
CA HIS A 123 -1.39 20.43 16.52
C HIS A 123 -1.61 19.89 15.12
N VAL A 124 -2.00 18.64 15.03
CA VAL A 124 -2.17 18.08 13.72
C VAL A 124 -3.42 18.61 13.00
N VAL A 125 -4.56 18.62 13.69
CA VAL A 125 -5.81 19.12 13.10
C VAL A 125 -5.61 20.53 12.60
N THR A 126 -4.78 21.21 13.37
CA THR A 126 -4.49 22.59 13.10
C THR A 126 -3.80 22.81 11.78
N MET A 127 -2.82 22.00 11.55
CA MET A 127 -2.02 22.14 10.41
C MET A 127 -2.80 21.81 9.15
N LEU A 128 -3.60 20.76 9.28
CA LEU A 128 -4.44 20.25 8.19
C LEU A 128 -5.44 21.37 7.76
N ASP A 129 -6.04 22.00 8.79
CA ASP A 129 -6.97 23.11 8.61
C ASP A 129 -6.35 24.38 7.99
N ASN A 130 -5.06 24.63 8.23
CA ASN A 130 -4.40 25.78 7.59
C ASN A 130 -3.76 25.47 6.28
N PHE A 131 -3.75 24.21 5.86
CA PHE A 131 -3.06 23.89 4.60
C PHE A 131 -3.69 24.57 3.37
N PRO A 132 -2.85 24.93 2.39
CA PRO A 132 -3.33 25.52 1.12
C PRO A 132 -4.13 24.46 0.32
N THR A 133 -5.15 24.84 -0.48
CA THR A 133 -5.83 23.82 -1.30
C THR A 133 -5.03 23.43 -2.53
N ASN A 134 -3.97 24.15 -2.80
CA ASN A 134 -3.20 23.73 -3.92
C ASN A 134 -2.10 22.81 -3.43
N LEU A 135 -2.09 22.49 -2.15
CA LEU A 135 -1.09 21.54 -1.64
C LEU A 135 -1.65 20.16 -1.87
N HIS A 136 -0.90 19.37 -2.60
CA HIS A 136 -1.31 18.01 -2.96
C HIS A 136 -1.68 17.18 -1.74
N PRO A 137 -2.71 16.39 -1.90
CA PRO A 137 -3.15 15.59 -0.78
C PRO A 137 -2.14 14.56 -0.29
N MET A 138 -1.29 14.09 -1.21
CA MET A 138 -0.22 13.16 -0.77
C MET A 138 0.75 13.93 0.12
N SER A 139 0.98 15.23 -0.23
CA SER A 139 1.82 16.20 0.54
C SER A 139 1.21 16.40 1.91
N GLN A 140 -0.07 16.72 1.87
CA GLN A 140 -0.80 16.95 3.10
C GLN A 140 -0.69 15.75 4.05
N LEU A 141 -0.82 14.54 3.49
CA LEU A 141 -0.85 13.31 4.29
C LEU A 141 0.47 13.03 4.99
N SER A 142 1.49 13.08 4.20
CA SER A 142 2.84 12.88 4.62
C SER A 142 3.29 13.88 5.71
N ALA A 143 3.03 15.20 5.53
CA ALA A 143 3.39 16.19 6.58
C ALA A 143 2.66 15.90 7.90
N ALA A 144 1.36 15.56 7.79
CA ALA A 144 0.54 15.21 8.96
C ALA A 144 1.08 14.00 9.75
N ILE A 145 1.48 12.97 9.04
CA ILE A 145 2.02 11.81 9.71
C ILE A 145 3.39 12.09 10.29
N THR A 146 4.23 12.79 9.55
CA THR A 146 5.51 13.20 10.14
C THR A 146 5.29 13.94 11.48
N ALA A 147 4.42 14.97 11.40
CA ALA A 147 3.98 15.78 12.53
C ALA A 147 3.37 14.96 13.68
N LEU A 148 2.84 13.79 13.38
CA LEU A 148 2.28 12.93 14.44
C LEU A 148 3.35 12.28 15.30
N ASN A 149 4.61 12.34 14.86
CA ASN A 149 5.71 11.64 15.53
C ASN A 149 5.93 12.06 16.98
N SER A 150 5.43 13.27 17.27
CA SER A 150 5.24 13.89 18.58
C SER A 150 4.78 12.84 19.59
N GLU A 151 3.94 11.97 19.07
CA GLU A 151 3.24 11.01 19.85
C GLU A 151 3.91 9.66 19.95
N SER A 152 4.98 9.46 19.18
CA SER A 152 5.64 8.16 19.13
C SER A 152 6.01 7.50 20.47
N ASN A 153 5.45 6.31 20.68
CA ASN A 153 5.71 5.55 21.86
C ASN A 153 7.12 4.93 21.75
N PHE A 154 7.55 4.64 20.52
CA PHE A 154 8.88 4.07 20.27
C PHE A 154 10.01 5.10 20.49
N ALA A 155 9.82 6.27 19.89
CA ALA A 155 10.71 7.41 19.99
C ALA A 155 10.92 7.85 21.45
N ARG A 156 9.86 7.68 22.25
CA ARG A 156 9.91 7.99 23.66
C ARG A 156 10.71 6.94 24.41
N ALA A 157 10.29 5.71 24.22
CA ALA A 157 10.98 4.57 24.82
C ALA A 157 12.50 4.58 24.52
N TYR A 158 12.85 4.88 23.25
CA TYR A 158 14.22 4.97 22.80
C TYR A 158 14.99 6.03 23.59
N ALA A 159 14.39 7.23 23.66
CA ALA A 159 14.89 8.39 24.40
C ALA A 159 15.28 7.98 25.79
N GLU A 160 14.39 7.17 26.35
CA GLU A 160 14.54 6.62 27.68
C GLU A 160 15.65 5.57 27.81
N GLY A 161 16.10 4.95 26.72
CA GLY A 161 17.18 4.01 26.86
C GLY A 161 16.76 2.54 27.01
N ILE A 162 15.57 2.17 26.53
CA ILE A 162 15.20 0.75 26.57
C ILE A 162 16.21 -0.14 25.87
N LEU A 163 16.26 -1.36 26.31
CA LEU A 163 17.09 -2.41 25.70
C LEU A 163 16.58 -2.69 24.28
N ARG A 164 17.50 -2.90 23.32
CA ARG A 164 17.13 -3.24 21.93
C ARG A 164 16.15 -4.41 21.80
N THR A 165 16.14 -5.33 22.75
CA THR A 165 15.27 -6.47 22.62
C THR A 165 13.80 -6.17 22.64
N LYS A 166 13.42 -5.10 23.31
CA LYS A 166 12.03 -4.77 23.44
C LYS A 166 11.54 -3.79 22.37
N TYR A 167 12.39 -3.50 21.37
CA TYR A 167 12.00 -2.56 20.31
C TYR A 167 10.64 -2.89 19.74
N TRP A 168 10.53 -4.11 19.22
CA TRP A 168 9.32 -4.57 18.55
C TRP A 168 8.03 -4.19 19.28
N GLU A 169 8.12 -4.24 20.60
CA GLU A 169 6.99 -3.95 21.47
C GLU A 169 6.38 -2.56 21.35
N MET A 170 7.25 -1.54 21.27
CA MET A 170 6.81 -0.15 21.13
C MET A 170 6.43 0.15 19.68
N VAL A 171 7.19 -0.45 18.77
CA VAL A 171 6.88 -0.41 17.36
C VAL A 171 5.45 -0.91 17.10
N TYR A 172 5.06 -1.99 17.74
CA TYR A 172 3.72 -2.49 17.61
C TYR A 172 2.64 -1.47 18.07
N GLU A 173 2.85 -0.85 19.24
CA GLU A 173 1.91 0.13 19.77
C GLU A 173 1.72 1.27 18.84
N SER A 174 2.85 1.77 18.37
CA SER A 174 2.93 2.87 17.42
C SER A 174 2.28 2.53 16.06
N ALA A 175 2.55 1.30 15.55
CA ALA A 175 1.87 0.78 14.35
C ALA A 175 0.34 0.74 14.53
N MET A 176 -0.12 0.21 15.64
CA MET A 176 -1.55 0.12 15.84
C MET A 176 -2.22 1.49 15.95
N ASP A 177 -1.54 2.43 16.64
CA ASP A 177 -2.05 3.80 16.77
C ASP A 177 -2.12 4.50 15.42
N LEU A 178 -1.07 4.29 14.59
CA LEU A 178 -0.91 4.85 13.26
C LEU A 178 -2.02 4.37 12.32
N ILE A 179 -2.29 3.08 12.38
CA ILE A 179 -3.34 2.48 11.54
C ILE A 179 -4.68 3.08 11.92
N ALA A 180 -4.93 3.12 13.24
CA ALA A 180 -6.11 3.72 13.87
C ALA A 180 -6.37 5.15 13.40
N LYS A 181 -5.35 5.97 13.41
CA LYS A 181 -5.53 7.39 13.12
C LYS A 181 -5.69 7.76 11.67
N LEU A 182 -5.03 6.97 10.85
CA LEU A 182 -4.88 7.15 9.41
C LEU A 182 -6.16 7.59 8.72
N PRO A 183 -7.23 6.83 8.89
CA PRO A 183 -8.45 7.22 8.24
C PRO A 183 -8.94 8.59 8.72
N CYS A 184 -8.59 8.97 9.93
CA CYS A 184 -9.00 10.27 10.43
C CYS A 184 -8.30 11.39 9.68
N VAL A 185 -7.00 11.17 9.51
CA VAL A 185 -6.15 12.11 8.78
C VAL A 185 -6.57 12.22 7.34
N ALA A 186 -6.78 11.06 6.74
CA ALA A 186 -7.16 11.01 5.34
C ALA A 186 -8.52 11.66 5.04
N ALA A 187 -9.52 11.35 5.87
CA ALA A 187 -10.87 11.92 5.72
C ALA A 187 -10.89 13.41 6.03
N LYS A 188 -10.06 13.82 6.99
CA LYS A 188 -9.93 15.22 7.29
C LYS A 188 -9.41 16.03 6.11
N ILE A 189 -8.44 15.46 5.42
CA ILE A 189 -7.91 16.05 4.22
C ILE A 189 -9.04 16.16 3.20
N TYR A 190 -9.75 15.05 3.02
CA TYR A 190 -10.84 14.94 2.05
C TYR A 190 -11.91 16.03 2.16
N ARG A 191 -12.38 16.12 3.39
CA ARG A 191 -13.40 17.03 3.87
C ARG A 191 -12.93 18.50 3.68
N ASN A 192 -11.70 18.80 4.11
CA ASN A 192 -11.11 20.12 3.99
C ASN A 192 -11.10 20.66 2.58
N LEU A 193 -10.61 19.82 1.69
CA LEU A 193 -10.44 20.12 0.28
C LEU A 193 -11.73 20.02 -0.52
N TYR A 194 -12.55 18.99 -0.29
CA TYR A 194 -13.71 18.74 -1.15
C TYR A 194 -15.07 19.02 -0.56
N ARG A 195 -15.11 19.14 0.78
CA ARG A 195 -16.37 19.37 1.51
C ARG A 195 -16.26 20.43 2.58
N ALA A 196 -15.67 21.59 2.19
CA ALA A 196 -15.44 22.73 3.06
C ALA A 196 -16.59 23.13 3.98
N GLY A 197 -16.30 23.20 5.29
CA GLY A 197 -17.23 23.58 6.36
C GLY A 197 -17.90 22.38 7.08
N SER A 198 -17.64 21.20 6.52
CA SER A 198 -18.17 19.93 7.00
C SER A 198 -17.25 19.26 8.00
N SER A 199 -17.76 18.31 8.76
CA SER A 199 -16.89 17.68 9.72
C SER A 199 -16.83 16.16 9.63
N ILE A 200 -15.68 15.59 10.00
CA ILE A 200 -15.48 14.15 9.87
C ILE A 200 -16.34 13.32 10.79
N GLY A 201 -16.70 13.89 11.91
CA GLY A 201 -17.53 13.13 12.80
C GLY A 201 -16.70 12.20 13.66
N ALA A 202 -17.40 11.36 14.39
CA ALA A 202 -16.82 10.47 15.34
C ALA A 202 -16.71 9.08 14.79
N ILE A 203 -15.82 8.32 15.42
CA ILE A 203 -15.58 6.93 15.14
C ILE A 203 -16.54 6.15 16.05
N ASP A 204 -17.19 5.16 15.46
CA ASP A 204 -18.16 4.31 16.08
C ASP A 204 -17.50 3.00 16.31
N SER A 205 -17.24 2.74 17.56
CA SER A 205 -16.53 1.51 17.89
C SER A 205 -17.25 0.29 17.39
N LYS A 206 -18.46 0.45 16.90
CA LYS A 206 -19.08 -0.76 16.48
C LYS A 206 -18.89 -1.07 15.01
N LEU A 207 -18.18 -0.20 14.32
CA LEU A 207 -17.96 -0.52 12.93
C LEU A 207 -16.57 -1.06 12.65
N ASP A 208 -16.47 -1.68 11.48
CA ASP A 208 -15.20 -2.08 10.95
C ASP A 208 -14.54 -0.80 10.49
N TRP A 209 -13.22 -0.84 10.44
CA TRP A 209 -12.36 0.26 10.08
C TRP A 209 -12.71 0.95 8.75
N SER A 210 -13.08 0.15 7.72
CA SER A 210 -13.44 0.64 6.36
C SER A 210 -14.76 1.44 6.32
N HIS A 211 -15.76 0.89 7.00
CA HIS A 211 -17.05 1.51 7.22
C HIS A 211 -16.91 2.81 8.02
N ASN A 212 -16.07 2.79 9.07
CA ASN A 212 -15.80 4.04 9.78
C ASN A 212 -15.24 5.09 8.82
N PHE A 213 -14.32 4.62 7.95
CA PHE A 213 -13.64 5.43 6.94
C PHE A 213 -14.58 6.15 5.95
N THR A 214 -15.46 5.36 5.31
CA THR A 214 -16.48 5.87 4.37
C THR A 214 -17.48 6.79 5.06
N ASN A 215 -17.80 6.49 6.30
CA ASN A 215 -18.61 7.39 7.05
C ASN A 215 -17.90 8.72 7.14
N MET A 216 -16.68 8.70 7.66
CA MET A 216 -15.97 9.97 7.78
C MET A 216 -15.77 10.66 6.45
N LEU A 217 -15.71 9.84 5.39
CA LEU A 217 -15.53 10.34 4.05
C LEU A 217 -16.86 10.88 3.55
N GLY A 218 -17.96 10.35 4.02
CA GLY A 218 -19.21 10.88 3.55
C GLY A 218 -19.97 9.97 2.61
N TYR A 219 -19.58 8.73 2.51
CA TYR A 219 -20.32 7.91 1.60
C TYR A 219 -21.32 7.01 2.26
N THR A 220 -22.52 7.05 1.71
CA THR A 220 -23.60 6.25 2.22
C THR A 220 -23.82 4.98 1.46
N ASP A 221 -23.51 4.99 0.15
CA ASP A 221 -23.76 3.80 -0.67
C ASP A 221 -23.17 2.57 -0.06
N ALA A 222 -24.01 1.57 0.15
CA ALA A 222 -23.54 0.33 0.76
C ALA A 222 -22.47 -0.43 -0.04
N GLN A 223 -22.53 -0.33 -1.37
CA GLN A 223 -21.60 -1.06 -2.23
C GLN A 223 -20.23 -0.41 -2.23
N PHE A 224 -20.23 0.89 -2.02
CA PHE A 224 -19.03 1.64 -1.89
C PHE A 224 -18.18 1.17 -0.69
N THR A 225 -18.86 0.81 0.42
CA THR A 225 -18.19 0.33 1.65
C THR A 225 -17.49 -0.98 1.36
N GLU A 226 -18.21 -1.78 0.57
CA GLU A 226 -17.71 -3.04 0.10
C GLU A 226 -16.50 -2.81 -0.78
N LEU A 227 -16.60 -1.85 -1.70
CA LEU A 227 -15.46 -1.51 -2.54
C LEU A 227 -14.29 -1.13 -1.68
N MET A 228 -14.57 -0.29 -0.70
CA MET A 228 -13.52 0.21 0.18
C MET A 228 -12.78 -0.90 0.90
N ARG A 229 -13.56 -1.87 1.37
CA ARG A 229 -13.05 -3.06 2.07
C ARG A 229 -12.09 -3.87 1.19
N LEU A 230 -12.51 -4.12 -0.05
CA LEU A 230 -11.67 -4.83 -1.01
C LEU A 230 -10.40 -4.04 -1.29
N TYR A 231 -10.61 -2.79 -1.71
CA TYR A 231 -9.54 -1.86 -2.08
C TYR A 231 -8.42 -1.84 -1.03
N LEU A 232 -8.81 -1.59 0.19
CA LEU A 232 -7.87 -1.47 1.26
C LEU A 232 -7.18 -2.80 1.56
N THR A 233 -7.85 -3.89 1.21
CA THR A 233 -7.25 -5.18 1.42
C THR A 233 -6.24 -5.44 0.32
N ILE A 234 -6.66 -5.15 -0.89
CA ILE A 234 -5.79 -5.52 -1.96
C ILE A 234 -4.53 -4.71 -2.09
N HIS A 235 -4.58 -3.48 -1.58
CA HIS A 235 -3.45 -2.55 -1.74
C HIS A 235 -2.44 -2.69 -0.61
N SER A 236 -2.85 -3.46 0.38
CA SER A 236 -2.17 -3.82 1.63
C SER A 236 -0.65 -3.80 1.61
N ASP A 237 -0.14 -4.72 0.79
CA ASP A 237 1.26 -5.02 0.74
C ASP A 237 1.60 -5.67 -0.61
N HIS A 238 2.84 -5.50 -1.04
CA HIS A 238 3.32 -6.03 -2.32
C HIS A 238 4.82 -6.31 -2.29
N GLU A 239 5.12 -7.17 -1.34
CA GLU A 239 6.46 -7.55 -0.97
C GLU A 239 7.32 -6.33 -0.60
N GLY A 240 8.60 -6.50 -0.31
CA GLY A 240 9.44 -5.40 0.23
C GLY A 240 10.15 -4.48 -0.75
N GLY A 241 10.33 -4.92 -2.00
CA GLY A 241 11.16 -4.20 -3.00
C GLY A 241 10.51 -3.04 -3.70
N ASN A 242 9.20 -2.88 -3.48
CA ASN A 242 8.50 -1.75 -4.10
C ASN A 242 8.90 -0.43 -3.40
N VAL A 243 8.89 0.69 -4.11
CA VAL A 243 9.39 1.96 -3.52
C VAL A 243 8.86 2.28 -2.10
N SER A 244 7.54 2.25 -1.91
CA SER A 244 7.00 2.60 -0.61
C SER A 244 7.48 1.69 0.53
N ALA A 245 7.28 0.40 0.37
CA ALA A 245 7.63 -0.53 1.42
C ALA A 245 9.12 -0.56 1.68
N HIS A 246 9.89 -0.55 0.59
CA HIS A 246 11.33 -0.49 0.70
C HIS A 246 11.74 0.75 1.48
N THR A 247 11.09 1.90 1.17
CA THR A 247 11.42 3.14 1.90
C THR A 247 11.16 3.05 3.38
N SER A 248 10.01 2.51 3.74
CA SER A 248 9.73 2.38 5.17
C SER A 248 10.77 1.53 5.82
N HIS A 249 11.19 0.50 5.07
CA HIS A 249 12.13 -0.50 5.59
C HIS A 249 13.51 0.09 5.81
N LEU A 250 13.98 0.81 4.81
CA LEU A 250 15.21 1.56 4.87
C LEU A 250 15.21 2.58 6.01
N VAL A 251 14.14 3.36 6.10
CA VAL A 251 14.08 4.43 7.11
C VAL A 251 13.92 3.88 8.55
N GLY A 252 13.10 2.85 8.68
CA GLY A 252 12.89 2.14 9.95
C GLY A 252 14.16 1.47 10.46
N SER A 253 15.03 0.97 9.54
CA SER A 253 16.30 0.32 9.89
C SER A 253 17.26 1.22 10.68
N ALA A 254 17.12 2.55 10.50
CA ALA A 254 17.90 3.58 11.24
C ALA A 254 17.34 3.82 12.62
N LEU A 255 16.22 3.17 12.89
CA LEU A 255 15.47 3.33 14.14
C LEU A 255 14.66 4.61 14.24
N SER A 256 14.34 5.22 13.08
CA SER A 256 13.37 6.30 12.99
C SER A 256 12.06 5.63 13.31
N ASP A 257 11.23 6.33 14.11
CA ASP A 257 9.97 5.74 14.57
C ASP A 257 9.01 5.39 13.43
N PRO A 258 8.00 4.58 13.72
CA PRO A 258 7.08 4.19 12.67
C PRO A 258 6.36 5.35 11.95
N TYR A 259 6.12 6.45 12.65
CA TYR A 259 5.48 7.60 12.01
C TYR A 259 6.35 8.14 10.91
N LEU A 260 7.58 8.47 11.27
CA LEU A 260 8.50 8.98 10.27
C LEU A 260 8.73 7.98 9.13
N SER A 261 8.80 6.68 9.42
CA SER A 261 9.07 5.74 8.37
C SER A 261 7.94 5.62 7.33
N PHE A 262 6.68 5.66 7.83
CA PHE A 262 5.45 5.67 7.05
C PHE A 262 5.42 6.90 6.14
N ALA A 263 5.64 8.07 6.75
CA ALA A 263 5.71 9.34 6.05
C ALA A 263 6.65 9.32 4.84
N ALA A 264 7.91 8.91 5.03
CA ALA A 264 8.87 8.78 3.93
C ALA A 264 8.29 7.90 2.84
N ALA A 265 7.68 6.80 3.29
CA ALA A 265 7.06 5.86 2.38
C ALA A 265 6.04 6.55 1.51
N MET A 266 5.26 7.40 2.15
CA MET A 266 4.26 8.12 1.39
C MET A 266 4.91 9.04 0.37
N ASN A 267 6.09 9.55 0.72
CA ASN A 267 6.76 10.39 -0.24
C ASN A 267 7.12 9.61 -1.49
N GLY A 268 7.42 8.32 -1.31
CA GLY A 268 7.73 7.44 -2.43
C GLY A 268 6.46 7.01 -3.17
N LEU A 269 5.36 6.71 -2.42
CA LEU A 269 4.06 6.37 -3.02
C LEU A 269 3.54 7.50 -3.94
N ALA A 270 3.97 8.71 -3.63
CA ALA A 270 3.57 9.83 -4.42
C ALA A 270 4.31 10.03 -5.74
N GLY A 271 5.35 9.24 -6.05
CA GLY A 271 6.01 9.40 -7.37
C GLY A 271 5.14 8.79 -8.49
N PRO A 272 5.16 9.38 -9.69
CA PRO A 272 4.34 8.96 -10.85
C PRO A 272 4.52 7.52 -11.32
N LEU A 273 5.72 7.01 -11.11
CA LEU A 273 6.08 5.65 -11.40
C LEU A 273 5.56 4.72 -10.33
N HIS A 274 5.16 5.28 -9.19
CA HIS A 274 4.64 4.49 -8.10
C HIS A 274 3.13 4.59 -7.94
N GLY A 275 2.69 4.96 -6.73
CA GLY A 275 1.25 5.07 -6.38
C GLY A 275 0.49 6.13 -7.17
N LEU A 276 1.16 7.25 -7.46
CA LEU A 276 0.52 8.32 -8.17
C LEU A 276 -0.10 7.89 -9.51
N ALA A 277 0.38 6.75 -10.07
CA ALA A 277 -0.18 6.13 -11.29
C ALA A 277 -1.71 6.04 -11.20
N ASN A 278 -2.16 5.80 -9.97
CA ASN A 278 -3.56 5.85 -9.58
C ASN A 278 -4.28 6.94 -10.28
N GLN A 279 -3.65 8.06 -10.03
CA GLN A 279 -4.22 9.34 -10.32
C GLN A 279 -3.99 9.72 -11.75
N GLU A 280 -2.79 9.39 -12.20
CA GLU A 280 -2.33 9.64 -13.57
C GLU A 280 -3.18 8.92 -14.60
N VAL A 281 -3.63 7.73 -14.22
CA VAL A 281 -4.53 6.95 -15.08
C VAL A 281 -5.84 7.73 -15.37
N LEU A 282 -6.58 8.12 -14.32
CA LEU A 282 -7.82 8.89 -14.52
C LEU A 282 -7.64 10.13 -15.39
N GLY A 283 -6.61 10.92 -15.05
CA GLY A 283 -6.29 12.13 -15.78
C GLY A 283 -5.96 11.89 -17.26
N TRP A 284 -5.42 10.70 -17.54
CA TRP A 284 -5.05 10.28 -18.87
C TRP A 284 -6.31 9.87 -19.63
N LEU A 285 -7.18 9.12 -18.93
CA LEU A 285 -8.51 8.78 -19.43
C LEU A 285 -9.36 10.03 -19.58
N ALA A 286 -9.18 10.93 -18.62
CA ALA A 286 -9.86 12.22 -18.69
C ALA A 286 -9.46 13.09 -19.93
N GLN A 287 -8.14 13.23 -20.23
CA GLN A 287 -7.61 13.83 -21.48
C GLN A 287 -8.18 13.10 -22.72
N LEU A 288 -8.06 11.75 -22.65
CA LEU A 288 -8.42 10.83 -23.70
C LEU A 288 -9.78 11.18 -24.23
N GLN A 289 -10.76 10.94 -23.41
CA GLN A 289 -12.11 11.29 -23.74
C GLN A 289 -12.33 12.68 -24.29
N LYS A 290 -11.51 13.60 -23.84
CA LYS A 290 -11.66 14.97 -24.22
C LYS A 290 -11.29 15.19 -25.68
N ALA A 291 -10.10 14.71 -26.00
CA ALA A 291 -9.58 14.87 -27.34
C ALA A 291 -10.17 13.79 -28.24
N ALA A 295 -16.87 7.80 -27.00
CA ALA A 295 -16.87 6.46 -27.57
C ALA A 295 -16.11 6.43 -28.89
N GLY A 296 -14.81 6.14 -28.74
CA GLY A 296 -13.84 6.15 -29.83
C GLY A 296 -13.51 4.78 -30.42
N ALA A 297 -13.02 4.83 -31.65
CA ALA A 297 -12.56 3.70 -32.42
C ALA A 297 -11.30 3.09 -31.79
N ASP A 298 -11.07 1.76 -31.94
CA ASP A 298 -9.81 1.16 -31.46
C ASP A 298 -8.62 1.84 -32.12
N ALA A 299 -8.80 2.18 -33.39
CA ALA A 299 -7.78 2.84 -34.18
C ALA A 299 -7.42 4.24 -33.65
N SER A 300 -8.42 5.01 -33.23
CA SER A 300 -8.11 6.33 -32.70
C SER A 300 -7.40 6.22 -31.34
N LEU A 301 -7.89 5.26 -30.58
CA LEU A 301 -7.40 4.91 -29.26
C LEU A 301 -5.93 4.50 -29.42
N ARG A 302 -5.65 3.90 -30.55
CA ARG A 302 -4.30 3.50 -30.81
C ARG A 302 -3.37 4.69 -31.12
N ASP A 303 -3.88 5.63 -31.93
CA ASP A 303 -3.21 6.88 -32.29
C ASP A 303 -2.77 7.66 -31.04
N TYR A 304 -3.73 7.72 -30.10
CA TYR A 304 -3.69 8.36 -28.80
C TYR A 304 -2.56 7.89 -27.91
N ILE A 305 -2.43 6.57 -27.87
CA ILE A 305 -1.39 5.84 -27.16
C ILE A 305 0.01 6.07 -27.77
N TRP A 306 0.08 6.10 -29.11
CA TRP A 306 1.34 6.34 -29.82
C TRP A 306 1.87 7.73 -29.59
N ASN A 307 0.94 8.62 -29.53
CA ASN A 307 1.20 9.99 -29.29
C ASN A 307 1.85 10.22 -27.91
N THR A 308 1.40 9.48 -26.88
CA THR A 308 2.06 9.56 -25.56
C THR A 308 3.47 9.02 -25.65
N LEU A 309 3.56 7.81 -26.23
CA LEU A 309 4.84 7.16 -26.41
C LEU A 309 5.82 8.08 -27.17
N ASN A 310 5.36 8.68 -28.27
CA ASN A 310 6.26 9.48 -29.08
C ASN A 310 6.74 10.73 -28.40
N SER A 311 5.97 11.06 -27.36
CA SER A 311 6.10 12.27 -26.58
C SER A 311 7.02 12.10 -25.39
N GLY A 312 7.55 10.89 -25.25
CA GLY A 312 8.47 10.57 -24.20
C GLY A 312 7.78 10.54 -22.85
N ARG A 313 6.51 10.11 -22.87
CA ARG A 313 5.76 9.97 -21.64
C ARG A 313 5.47 8.51 -21.39
N VAL A 314 5.04 8.18 -20.17
CA VAL A 314 4.62 6.80 -19.98
C VAL A 314 3.10 6.70 -20.07
N VAL A 315 2.68 5.52 -20.47
CA VAL A 315 1.34 5.11 -20.37
C VAL A 315 1.14 4.63 -18.94
N PRO A 316 0.33 5.35 -18.20
CA PRO A 316 0.11 5.04 -16.79
C PRO A 316 -0.68 3.74 -16.58
N GLY A 317 -0.39 3.00 -15.50
CA GLY A 317 -1.15 1.81 -15.13
C GLY A 317 -0.84 0.51 -15.87
N TYR A 318 0.17 0.57 -16.74
CA TYR A 318 0.69 -0.55 -17.53
C TYR A 318 2.16 -0.73 -17.26
N GLY A 319 2.60 -1.98 -17.13
CA GLY A 319 3.99 -2.25 -16.83
C GLY A 319 4.18 -2.56 -15.34
N HIS A 320 5.30 -3.24 -15.03
CA HIS A 320 5.65 -3.59 -13.66
C HIS A 320 7.13 -3.92 -13.51
N ALA A 321 7.81 -3.58 -12.41
CA ALA A 321 9.23 -3.93 -12.32
C ALA A 321 9.44 -5.43 -12.16
N VAL A 322 8.45 -6.06 -11.57
CA VAL A 322 8.51 -7.47 -11.26
C VAL A 322 7.41 -8.29 -11.97
N LEU A 323 6.16 -7.84 -11.97
CA LEU A 323 5.21 -8.69 -12.66
C LEU A 323 5.53 -8.78 -14.14
N ARG A 324 5.12 -9.91 -14.71
CA ARG A 324 5.32 -10.21 -16.12
C ARG A 324 4.07 -10.65 -16.83
N LYS A 325 2.98 -10.66 -16.07
CA LYS A 325 1.66 -11.01 -16.53
C LYS A 325 0.69 -10.01 -15.90
N THR A 326 -0.54 -9.98 -16.38
CA THR A 326 -1.53 -9.11 -15.84
C THR A 326 -1.66 -9.28 -14.33
N ASP A 327 -1.56 -8.15 -13.63
CA ASP A 327 -1.75 -8.10 -12.19
C ASP A 327 -3.12 -8.70 -11.82
N PRO A 328 -3.08 -9.62 -10.87
CA PRO A 328 -4.26 -10.21 -10.32
C PRO A 328 -5.05 -9.19 -9.56
N ARG A 329 -4.38 -8.15 -9.10
CA ARG A 329 -5.08 -7.05 -8.43
C ARG A 329 -6.04 -6.38 -9.43
N TYR A 330 -5.55 -6.26 -10.67
CA TYR A 330 -6.27 -5.72 -11.81
C TYR A 330 -7.48 -6.61 -12.10
N THR A 331 -7.20 -7.89 -12.19
CA THR A 331 -8.22 -8.91 -12.45
C THR A 331 -9.35 -8.85 -11.42
N CYS A 332 -8.90 -8.71 -10.18
CA CYS A 332 -9.75 -8.56 -9.02
C CYS A 332 -10.66 -7.36 -9.16
N GLN A 333 -10.06 -6.29 -9.61
CA GLN A 333 -10.79 -5.08 -9.79
C GLN A 333 -11.85 -5.20 -10.89
N ARG A 334 -11.44 -5.79 -11.97
CA ARG A 334 -12.26 -6.01 -13.11
C ARG A 334 -13.50 -6.86 -12.82
N GLU A 335 -13.28 -7.88 -12.01
CA GLU A 335 -14.33 -8.79 -11.61
C GLU A 335 -15.36 -8.10 -10.72
N PHE A 336 -14.91 -7.14 -9.90
CA PHE A 336 -15.79 -6.32 -9.06
C PHE A 336 -16.75 -5.47 -9.90
N ALA A 337 -16.16 -4.77 -10.90
CA ALA A 337 -16.89 -3.94 -11.89
C ALA A 337 -17.84 -4.76 -12.75
N LEU A 338 -17.36 -5.89 -13.22
CA LEU A 338 -18.20 -6.76 -13.97
C LEU A 338 -19.42 -7.15 -13.16
N LYS A 339 -19.31 -7.15 -11.82
CA LYS A 339 -20.46 -7.52 -10.98
C LYS A 339 -21.37 -6.35 -10.72
N HIS A 340 -20.71 -5.25 -10.40
CA HIS A 340 -21.33 -4.01 -9.93
C HIS A 340 -21.52 -2.85 -10.90
N LEU A 341 -20.62 -2.60 -11.85
CA LEU A 341 -20.77 -1.44 -12.69
C LEU A 341 -20.35 -1.73 -14.15
N PRO A 342 -20.94 -2.81 -14.65
CA PRO A 342 -20.54 -3.32 -15.93
C PRO A 342 -20.83 -2.37 -17.12
N GLY A 343 -21.84 -1.48 -17.00
CA GLY A 343 -22.22 -0.55 -18.08
C GLY A 343 -21.54 0.83 -18.01
N ASP A 344 -20.71 1.03 -16.98
CA ASP A 344 -20.03 2.30 -16.86
C ASP A 344 -19.13 2.51 -18.05
N PRO A 345 -19.35 3.65 -18.64
CA PRO A 345 -18.66 4.10 -19.82
C PRO A 345 -17.17 4.19 -19.62
N MET A 346 -16.78 4.60 -18.41
CA MET A 346 -15.37 4.68 -18.03
C MET A 346 -14.80 3.27 -17.91
N PHE A 347 -15.63 2.39 -17.29
CA PHE A 347 -15.34 0.96 -17.14
C PHE A 347 -15.09 0.37 -18.50
N LYS A 348 -16.01 0.66 -19.40
CA LYS A 348 -15.95 0.20 -20.77
C LYS A 348 -14.67 0.63 -21.47
N LEU A 349 -14.26 1.87 -21.26
CA LEU A 349 -13.04 2.38 -21.84
C LEU A 349 -11.81 1.59 -21.37
N VAL A 350 -11.72 1.42 -20.06
CA VAL A 350 -10.70 0.64 -19.41
C VAL A 350 -10.71 -0.81 -19.93
N ALA A 351 -11.90 -1.36 -20.15
CA ALA A 351 -11.94 -2.67 -20.71
C ALA A 351 -11.31 -2.62 -22.09
N GLN A 352 -11.69 -1.59 -22.84
CA GLN A 352 -11.24 -1.42 -24.20
C GLN A 352 -9.73 -1.33 -24.37
N LEU A 353 -9.15 -0.58 -23.46
CA LEU A 353 -7.73 -0.31 -23.47
C LEU A 353 -6.93 -1.58 -23.29
N TYR A 354 -7.46 -2.46 -22.42
CA TYR A 354 -6.85 -3.75 -22.13
C TYR A 354 -6.67 -4.47 -23.44
N LYS A 355 -7.62 -4.25 -24.34
CA LYS A 355 -7.51 -4.87 -25.62
C LYS A 355 -6.40 -4.28 -26.46
N ILE A 356 -6.14 -3.00 -26.27
CA ILE A 356 -5.23 -2.25 -27.11
C ILE A 356 -3.81 -2.04 -26.57
N VAL A 357 -3.72 -1.44 -25.40
CA VAL A 357 -2.43 -1.03 -24.81
C VAL A 357 -1.27 -2.02 -24.92
N PRO A 358 -1.47 -3.19 -24.33
CA PRO A 358 -0.47 -4.24 -24.28
C PRO A 358 0.10 -4.49 -25.68
N ASN A 359 -0.81 -4.58 -26.66
CA ASN A 359 -0.48 -4.72 -28.06
C ASN A 359 0.40 -3.57 -28.56
N VAL A 360 -0.01 -2.34 -28.28
CA VAL A 360 0.81 -1.23 -28.70
C VAL A 360 2.16 -1.29 -27.99
N LEU A 361 2.09 -1.66 -26.71
CA LEU A 361 3.30 -1.81 -25.92
C LEU A 361 4.21 -2.93 -26.49
N LEU A 362 3.61 -4.02 -27.02
CA LEU A 362 4.42 -5.07 -27.63
C LEU A 362 5.03 -4.52 -28.93
N GLU A 363 4.24 -3.71 -29.64
CA GLU A 363 4.68 -3.09 -30.86
C GLU A 363 5.92 -2.26 -30.62
N GLN A 364 5.83 -1.36 -29.66
CA GLN A 364 6.98 -0.52 -29.36
C GLN A 364 8.24 -1.31 -28.99
N GLY A 365 8.08 -2.49 -28.39
CA GLY A 365 9.22 -3.30 -27.96
C GLY A 365 10.17 -2.71 -26.86
N ALA A 366 9.64 -1.97 -25.88
CA ALA A 366 10.46 -1.48 -24.77
C ALA A 366 10.05 -2.00 -23.37
N ALA A 367 8.76 -1.92 -23.04
CA ALA A 367 8.31 -2.49 -21.80
C ALA A 367 8.57 -3.98 -21.78
N ALA A 368 9.17 -4.41 -20.71
CA ALA A 368 9.36 -5.79 -20.44
C ALA A 368 8.01 -6.42 -20.01
N ASN A 369 7.14 -5.65 -19.37
CA ASN A 369 5.86 -6.23 -19.05
C ASN A 369 4.71 -5.44 -19.65
N PRO A 370 4.11 -5.89 -20.75
CA PRO A 370 3.11 -5.04 -21.41
C PRO A 370 1.73 -4.98 -20.75
N TRP A 371 1.52 -5.79 -19.74
CA TRP A 371 0.26 -5.90 -19.05
C TRP A 371 -0.02 -4.83 -18.01
N PRO A 372 -1.30 -4.66 -17.73
CA PRO A 372 -1.78 -3.68 -16.77
C PRO A 372 -1.43 -4.07 -15.32
N ASN A 373 -1.28 -3.04 -14.49
CA ASN A 373 -1.01 -3.21 -13.08
C ASN A 373 -2.21 -2.67 -12.29
N VAL A 374 -2.19 -2.82 -10.97
CA VAL A 374 -3.25 -2.40 -10.10
C VAL A 374 -3.83 -1.00 -10.37
N ASP A 375 -2.93 -0.10 -10.69
CA ASP A 375 -3.28 1.29 -10.89
C ASP A 375 -4.19 1.53 -12.07
N ALA A 376 -4.12 0.65 -13.04
CA ALA A 376 -4.92 0.78 -14.23
C ALA A 376 -6.44 0.67 -13.97
N HIS A 377 -6.86 0.09 -12.83
CA HIS A 377 -8.29 -0.22 -12.61
C HIS A 377 -9.00 0.43 -11.44
N SER A 378 -8.22 0.90 -10.50
CA SER A 378 -8.68 1.40 -9.25
C SER A 378 -9.49 2.73 -9.32
N GLY A 379 -9.06 3.74 -10.06
CA GLY A 379 -9.79 4.98 -10.21
C GLY A 379 -11.20 4.80 -10.79
N VAL A 380 -11.30 3.94 -11.81
CA VAL A 380 -12.55 3.70 -12.50
C VAL A 380 -13.66 3.35 -11.53
N LEU A 381 -13.30 2.48 -10.59
CA LEU A 381 -14.21 2.04 -9.54
C LEU A 381 -14.70 3.15 -8.61
N LEU A 382 -13.78 4.01 -8.17
CA LEU A 382 -14.03 5.14 -7.24
C LEU A 382 -14.98 6.20 -7.85
N GLN A 383 -14.66 6.61 -9.12
CA GLN A 383 -15.40 7.58 -9.96
C GLN A 383 -16.90 7.25 -10.02
N TYR A 384 -17.17 6.00 -10.39
CA TYR A 384 -18.49 5.38 -10.42
C TYR A 384 -19.20 5.65 -9.12
N TYR A 385 -18.52 5.41 -8.01
CA TYR A 385 -19.20 5.75 -6.79
C TYR A 385 -19.31 7.24 -6.46
N GLY A 386 -18.84 8.16 -7.29
CA GLY A 386 -19.05 9.56 -6.92
C GLY A 386 -17.78 10.19 -6.38
N MET A 387 -16.82 9.34 -6.12
CA MET A 387 -15.55 9.86 -5.66
C MET A 387 -14.71 10.29 -6.85
N THR A 388 -14.99 11.43 -7.38
CA THR A 388 -14.29 11.73 -8.59
C THR A 388 -13.09 12.65 -8.47
N GLU A 389 -12.60 12.88 -7.25
CA GLU A 389 -11.44 13.76 -7.09
C GLU A 389 -10.13 12.96 -7.12
N MET A 390 -9.64 12.78 -8.36
CA MET A 390 -8.51 11.93 -8.77
C MET A 390 -7.19 12.23 -8.08
N ASN A 391 -6.93 13.52 -7.83
CA ASN A 391 -5.74 13.92 -7.11
C ASN A 391 -5.77 13.38 -5.69
N TYR A 392 -6.90 12.74 -5.31
CA TYR A 392 -7.10 12.14 -3.97
C TYR A 392 -6.73 10.63 -3.83
N TYR A 393 -6.94 9.87 -4.91
CA TYR A 393 -6.80 8.41 -5.01
C TYR A 393 -5.62 7.74 -4.30
N THR A 394 -4.47 8.38 -4.41
CA THR A 394 -3.23 7.87 -3.90
C THR A 394 -3.20 7.85 -2.36
N VAL A 395 -4.05 8.73 -1.79
CA VAL A 395 -4.26 8.78 -0.35
C VAL A 395 -4.87 7.46 0.07
N LEU A 396 -5.90 7.09 -0.64
CA LEU A 396 -6.53 5.82 -0.42
C LEU A 396 -5.49 4.67 -0.49
N PHE A 397 -4.61 4.70 -1.51
CA PHE A 397 -3.52 3.71 -1.64
C PHE A 397 -2.63 3.76 -0.40
N GLY A 398 -2.27 5.01 -0.04
CA GLY A 398 -1.51 5.34 1.16
C GLY A 398 -2.08 4.64 2.38
N VAL A 399 -3.38 4.72 2.56
CA VAL A 399 -4.01 4.11 3.73
C VAL A 399 -3.91 2.58 3.82
N SER A 400 -4.11 1.90 2.70
CA SER A 400 -4.06 0.44 2.64
C SER A 400 -2.68 -0.09 3.00
N ARG A 401 -1.71 0.56 2.34
CA ARG A 401 -0.30 0.24 2.31
C ARG A 401 0.33 0.18 3.69
N ALA A 402 -0.23 1.00 4.57
CA ALA A 402 0.15 1.05 5.98
C ALA A 402 0.03 -0.32 6.61
N LEU A 403 -0.98 -1.07 6.17
CA LEU A 403 -1.25 -2.37 6.71
C LEU A 403 -0.09 -3.32 6.48
N GLY A 404 0.45 -3.32 5.27
CA GLY A 404 1.56 -4.23 4.98
C GLY A 404 2.88 -3.75 5.56
N VAL A 405 3.24 -2.52 5.27
CA VAL A 405 4.54 -2.04 5.70
C VAL A 405 4.72 -2.01 7.22
N LEU A 406 3.64 -1.68 7.93
CA LEU A 406 3.68 -1.65 9.37
C LEU A 406 3.74 -3.06 9.94
N ALA A 407 3.00 -3.96 9.32
CA ALA A 407 3.00 -5.35 9.73
C ALA A 407 4.43 -5.87 9.68
N GLN A 408 5.12 -5.54 8.59
CA GLN A 408 6.51 -5.93 8.43
C GLN A 408 7.47 -5.19 9.37
N LEU A 409 7.23 -3.91 9.56
CA LEU A 409 8.10 -3.09 10.37
C LEU A 409 8.28 -3.71 11.76
N ILE A 410 7.19 -4.24 12.24
CA ILE A 410 7.19 -4.92 13.54
C ILE A 410 8.07 -6.18 13.55
N TRP A 411 8.06 -6.99 12.48
CA TRP A 411 8.91 -8.19 12.44
C TRP A 411 10.41 -7.85 12.33
N SER A 412 10.69 -6.82 11.55
CA SER A 412 12.05 -6.36 11.33
C SER A 412 12.78 -6.07 12.65
N ARG A 413 12.10 -5.25 13.47
CA ARG A 413 12.57 -4.87 14.79
C ARG A 413 12.57 -6.10 15.68
N ALA A 414 11.53 -6.92 15.53
CA ALA A 414 11.45 -8.18 16.27
C ALA A 414 12.61 -9.14 15.95
N LEU A 415 12.97 -9.23 14.68
CA LEU A 415 14.06 -10.10 14.25
C LEU A 415 15.44 -9.44 14.42
N GLY A 416 15.46 -8.19 14.85
CA GLY A 416 16.71 -7.49 15.01
C GLY A 416 17.42 -7.16 13.68
N PHE A 417 16.66 -6.89 12.59
CA PHE A 417 17.31 -6.49 11.33
C PHE A 417 18.08 -5.19 11.54
N PRO A 418 19.29 -5.19 11.03
CA PRO A 418 20.25 -4.10 11.15
C PRO A 418 20.02 -2.97 10.14
N LEU A 419 20.82 -1.94 10.32
CA LEU A 419 20.84 -0.82 9.44
C LEU A 419 20.97 -1.24 7.97
N GLU A 420 20.06 -0.77 7.12
CA GLU A 420 20.14 -0.95 5.68
C GLU A 420 21.17 0.00 5.15
N ARG A 421 22.32 -0.53 4.79
CA ARG A 421 23.39 0.31 4.30
C ARG A 421 24.21 -0.45 3.27
N PRO A 422 23.78 -0.37 2.02
CA PRO A 422 24.55 -1.05 1.00
C PRO A 422 25.79 -0.21 0.61
N LYS A 423 26.60 -0.74 -0.32
CA LYS A 423 27.79 -0.04 -0.87
C LYS A 423 27.44 0.54 -2.24
N SER A 424 27.89 1.76 -2.48
CA SER A 424 27.70 2.35 -3.79
C SER A 424 29.01 2.49 -4.56
N MET A 425 28.87 2.75 -5.83
CA MET A 425 30.03 2.93 -6.62
C MET A 425 29.82 4.04 -7.56
N SER A 426 30.89 4.65 -8.05
CA SER A 426 30.70 5.62 -9.09
C SER A 426 30.99 4.93 -10.42
N THR A 427 30.70 5.59 -11.53
CA THR A 427 31.05 5.04 -12.84
C THR A 427 32.57 4.82 -13.01
N ASP A 428 33.33 5.85 -12.63
CA ASP A 428 34.77 5.80 -12.67
C ASP A 428 35.28 4.57 -11.97
N GLY A 429 34.85 4.45 -10.72
CA GLY A 429 35.16 3.36 -9.83
C GLY A 429 34.80 1.99 -10.39
N LEU A 430 33.60 1.89 -10.91
CA LEU A 430 33.12 0.67 -11.50
C LEU A 430 33.94 0.28 -12.74
N ILE A 431 34.22 1.33 -13.56
CA ILE A 431 34.99 1.28 -14.79
C ILE A 431 36.35 0.73 -14.37
N ALA A 432 37.00 1.37 -13.41
CA ALA A 432 38.24 0.82 -12.89
C ALA A 432 38.14 -0.59 -12.30
N LEU A 433 36.99 -1.01 -11.84
CA LEU A 433 36.87 -2.30 -11.19
C LEU A 433 37.14 -3.57 -12.04
#